data_7HP2
#
_entry.id   7HP2
#
_cell.length_a   42.119
_cell.length_b   42.119
_cell.length_c   215.607
_cell.angle_alpha   90.00
_cell.angle_beta   90.00
_cell.angle_gamma   90.00
#
_symmetry.space_group_name_H-M   'P 43 2 2'
#
loop_
_entity.id
_entity.type
_entity.pdbx_description
1 polymer 'Serine protease subunit NS2B'
2 polymer 'Serine protease NS3'
3 non-polymer 'DIMETHYL SULFOXIDE'
4 non-polymer 3-chloro-5-[({3-[(dimethylamino)methyl]-4-hydroxyphenyl}methyl)amino]-N-(1-hydroxy-2-methylpropan-2-yl)benzamide
5 non-polymer 'SULFATE ION'
6 water water
#
loop_
_entity_poly.entity_id
_entity_poly.type
_entity_poly.pdbx_seq_one_letter_code
_entity_poly.pdbx_strand_id
1 'polypeptide(L)' SMGKSVDMYIERAGDITWEKDAEVTGNSPRLDVALDESGDFSLVEE A
2 'polypeptide(L)'
;MKEVKKGETTDGVYRVMTRRLLGSTQVGVGVMQEGVFHTMWHVTKGAALRSGEGRLDPYWGDVKQDLVSYCGPWKLDAAW
DGLSEVQLLAVPPGERAKNIQTLPGIFKTKDGDIGAVALDYPAGTSGSPILDKCGRVIGLYGNGVVIKNGSYVSAITQGK
REEETPVE
;
B
#
loop_
_chem_comp.id
_chem_comp.type
_chem_comp.name
_chem_comp.formula
A1BHC non-polymer 3-chloro-5-[({3-[(dimethylamino)methyl]-4-hydroxyphenyl}methyl)amino]-N-(1-hydroxy-2-methylpropan-2-yl)benzamide 'C21 H28 Cl N3 O3'
DMS non-polymer 'DIMETHYL SULFOXIDE' 'C2 H6 O S'
SO4 non-polymer 'SULFATE ION' 'O4 S -2'
#
# COMPACT_ATOMS: atom_id res chain seq x y z
N ASP A 7 -0.85 -1.90 -22.50
CA ASP A 7 -2.27 -1.50 -22.30
C ASP A 7 -2.86 -2.34 -21.15
N MET A 8 -3.13 -1.69 -20.03
CA MET A 8 -3.42 -2.39 -18.77
C MET A 8 -4.92 -2.62 -18.67
N TYR A 9 -5.32 -3.69 -17.99
CA TYR A 9 -6.74 -4.05 -17.80
C TYR A 9 -6.98 -4.49 -16.36
N ILE A 10 -8.18 -4.33 -15.87
CA ILE A 10 -8.45 -4.74 -14.44
C ILE A 10 -9.32 -6.03 -14.41
N GLU A 11 -9.17 -6.83 -13.35
CA GLU A 11 -9.94 -8.11 -13.12
C GLU A 11 -10.33 -8.20 -11.65
N ARG A 12 -11.60 -8.39 -11.36
CA ARG A 12 -12.11 -8.36 -9.97
C ARG A 12 -11.47 -9.55 -9.22
N ALA A 13 -10.98 -9.29 -8.02
CA ALA A 13 -10.26 -10.26 -7.16
C ALA A 13 -11.03 -10.61 -5.87
N GLY A 14 -12.08 -9.88 -5.49
CA GLY A 14 -12.74 -10.13 -4.21
C GLY A 14 -13.59 -8.98 -3.74
N ASP A 15 -14.33 -9.24 -2.67
CA ASP A 15 -15.14 -8.25 -1.93
C ASP A 15 -14.23 -7.65 -0.86
N ILE A 16 -14.55 -6.47 -0.43
CA ILE A 16 -13.78 -5.77 0.61
C ILE A 16 -14.59 -5.92 1.88
N THR A 17 -14.13 -6.88 2.70
N THR A 17 -14.16 -6.89 2.71
N THR A 17 -14.13 -6.88 2.70
N THR A 17 -14.16 -6.89 2.71
CA THR A 17 -14.79 -7.34 3.94
CA THR A 17 -14.86 -7.27 3.96
CA THR A 17 -14.79 -7.34 3.94
CA THR A 17 -14.86 -7.27 3.96
C THR A 17 -13.71 -7.66 4.97
C THR A 17 -13.82 -7.76 4.97
C THR A 17 -13.71 -7.66 4.97
C THR A 17 -13.82 -7.76 4.97
N TRP A 18 -14.01 -7.40 6.25
CA TRP A 18 -13.17 -7.89 7.35
C TRP A 18 -13.55 -9.35 7.52
N GLU A 19 -12.58 -10.26 7.48
N GLU A 19 -12.58 -10.26 7.48
N GLU A 19 -12.56 -10.25 7.56
N GLU A 19 -12.56 -10.25 7.56
CA GLU A 19 -12.80 -11.73 7.68
CA GLU A 19 -12.80 -11.73 7.68
CA GLU A 19 -12.78 -11.71 7.73
CA GLU A 19 -12.78 -11.71 7.73
C GLU A 19 -12.48 -12.05 9.15
C GLU A 19 -12.48 -12.05 9.15
C GLU A 19 -12.35 -12.10 9.15
C GLU A 19 -12.35 -12.10 9.15
N LYS A 20 -13.46 -12.60 9.88
N LYS A 20 -13.46 -12.60 9.88
N LYS A 20 -13.30 -12.55 9.97
N LYS A 20 -13.30 -12.55 9.97
CA LYS A 20 -13.28 -13.02 11.30
CA LYS A 20 -13.28 -13.02 11.30
CA LYS A 20 -13.03 -12.98 11.36
CA LYS A 20 -13.03 -12.98 11.36
C LYS A 20 -12.40 -14.28 11.27
C LYS A 20 -12.40 -14.28 11.27
C LYS A 20 -12.13 -14.21 11.30
C LYS A 20 -12.13 -14.21 11.30
N ASP A 21 -11.34 -14.30 12.08
N ASP A 21 -11.34 -14.30 12.08
N ASP A 21 -11.21 -14.35 12.24
N ASP A 21 -11.21 -14.35 12.24
CA ASP A 21 -10.32 -15.39 12.04
CA ASP A 21 -10.32 -15.39 12.04
CA ASP A 21 -10.26 -15.50 12.24
CA ASP A 21 -10.26 -15.50 12.24
C ASP A 21 -9.65 -15.37 10.67
C ASP A 21 -9.65 -15.37 10.67
C ASP A 21 -9.52 -15.51 10.90
C ASP A 21 -9.52 -15.51 10.90
N ALA A 22 -8.85 -14.34 10.38
N ALA A 22 -8.85 -14.34 10.38
N ALA A 22 -8.80 -14.43 10.56
N ALA A 22 -8.80 -14.43 10.56
CA ALA A 22 -7.85 -14.33 9.29
CA ALA A 22 -7.85 -14.33 9.29
CA ALA A 22 -7.86 -14.39 9.42
CA ALA A 22 -7.86 -14.39 9.42
C ALA A 22 -6.47 -14.64 9.91
C ALA A 22 -6.47 -14.64 9.91
C ALA A 22 -6.45 -14.70 9.95
C ALA A 22 -6.45 -14.70 9.95
N GLU A 23 -5.52 -15.10 9.07
CA GLU A 23 -4.08 -15.30 9.47
C GLU A 23 -3.59 -14.01 10.13
N VAL A 24 -2.93 -14.08 11.28
CA VAL A 24 -2.45 -12.84 12.00
C VAL A 24 -0.92 -12.88 12.05
N THR A 25 -0.23 -11.85 11.63
CA THR A 25 1.24 -11.93 11.53
C THR A 25 1.79 -10.53 11.32
N GLY A 26 3.12 -10.44 11.21
CA GLY A 26 3.80 -9.16 11.08
C GLY A 26 3.97 -8.45 12.42
N ASN A 27 5.04 -7.62 12.44
CA ASN A 27 5.46 -6.76 13.58
C ASN A 27 4.97 -5.33 13.35
N SER A 28 5.33 -4.39 14.24
CA SER A 28 4.81 -3.01 14.23
C SER A 28 5.96 -2.06 14.51
N PRO A 29 6.94 -1.94 13.60
CA PRO A 29 8.16 -1.17 13.89
C PRO A 29 7.81 0.33 13.87
N ARG A 30 8.48 1.12 14.72
CA ARG A 30 8.45 2.61 14.67
C ARG A 30 9.72 3.10 13.98
N LEU A 31 9.59 3.63 12.77
CA LEU A 31 10.76 3.95 11.93
C LEU A 31 10.75 5.45 11.64
N ASP A 32 11.92 6.09 11.76
N ASP A 32 11.92 6.09 11.76
N ASP A 32 11.91 6.10 11.79
N ASP A 32 11.91 6.10 11.79
CA ASP A 32 12.16 7.48 11.29
CA ASP A 32 12.16 7.48 11.29
CA ASP A 32 12.12 7.50 11.30
CA ASP A 32 12.12 7.50 11.30
C ASP A 32 12.40 7.44 9.79
C ASP A 32 12.40 7.43 9.79
C ASP A 32 12.35 7.41 9.79
C ASP A 32 12.35 7.41 9.79
N VAL A 33 11.58 8.14 9.00
N VAL A 33 11.58 8.14 9.00
N VAL A 33 11.58 8.14 9.00
N VAL A 33 11.58 8.14 9.00
CA VAL A 33 11.66 8.11 7.50
CA VAL A 33 11.66 8.11 7.50
CA VAL A 33 11.66 8.11 7.50
CA VAL A 33 11.66 8.11 7.50
C VAL A 33 11.53 9.54 6.95
C VAL A 33 11.53 9.54 6.95
C VAL A 33 11.53 9.54 6.95
C VAL A 33 11.53 9.54 6.95
N ALA A 34 12.03 9.73 5.73
N ALA A 34 12.03 9.73 5.73
N ALA A 34 12.03 9.72 5.72
N ALA A 34 12.03 9.72 5.72
CA ALA A 34 11.86 10.96 4.92
CA ALA A 34 11.86 10.96 4.92
CA ALA A 34 11.86 10.96 4.92
CA ALA A 34 11.86 10.96 4.92
C ALA A 34 11.07 10.61 3.65
C ALA A 34 11.07 10.61 3.65
C ALA A 34 11.08 10.61 3.65
C ALA A 34 11.08 10.61 3.65
N LEU A 35 10.33 11.59 3.12
N LEU A 35 10.32 11.59 3.12
N LEU A 35 10.31 11.56 3.13
N LEU A 35 10.31 11.56 3.13
CA LEU A 35 9.52 11.48 1.88
CA LEU A 35 9.52 11.48 1.88
CA LEU A 35 9.54 11.42 1.86
CA LEU A 35 9.54 11.42 1.86
C LEU A 35 9.98 12.57 0.91
C LEU A 35 9.98 12.57 0.91
C LEU A 35 10.07 12.48 0.89
C LEU A 35 10.07 12.48 0.89
N ASP A 36 10.66 12.18 -0.18
N ASP A 36 10.66 12.18 -0.18
N ASP A 36 10.62 12.08 -0.25
N ASP A 36 10.62 12.08 -0.25
CA ASP A 36 11.22 13.12 -1.19
CA ASP A 36 11.22 13.12 -1.19
CA ASP A 36 11.19 13.04 -1.25
CA ASP A 36 11.19 13.04 -1.25
C ASP A 36 10.11 13.54 -2.16
C ASP A 36 10.11 13.54 -2.16
C ASP A 36 10.09 13.47 -2.22
C ASP A 36 10.09 13.47 -2.22
N GLU A 37 10.44 14.39 -3.13
N GLU A 37 10.45 14.39 -3.13
N GLU A 37 10.42 14.39 -3.13
N GLU A 37 10.42 14.39 -3.13
CA GLU A 37 9.48 14.97 -4.11
CA GLU A 37 9.48 14.97 -4.11
CA GLU A 37 9.43 14.95 -4.08
CA GLU A 37 9.43 14.95 -4.08
C GLU A 37 8.97 13.87 -5.06
C GLU A 37 8.97 13.87 -5.06
C GLU A 37 8.93 13.83 -5.01
C GLU A 37 8.93 13.83 -5.01
N SER A 38 9.75 12.82 -5.28
CA SER A 38 9.39 11.68 -6.16
C SER A 38 8.48 10.66 -5.43
N GLY A 39 8.13 10.90 -4.17
CA GLY A 39 7.27 10.00 -3.37
C GLY A 39 8.04 8.81 -2.82
N ASP A 40 9.38 8.85 -2.85
N ASP A 40 9.38 8.85 -2.85
N ASP A 40 9.38 8.86 -2.86
N ASP A 40 9.38 8.86 -2.86
CA ASP A 40 10.23 7.72 -2.35
CA ASP A 40 10.23 7.72 -2.35
CA ASP A 40 10.28 7.80 -2.33
CA ASP A 40 10.28 7.80 -2.33
C ASP A 40 10.49 7.93 -0.86
C ASP A 40 10.49 7.93 -0.86
C ASP A 40 10.41 7.99 -0.82
C ASP A 40 10.41 7.99 -0.82
N PHE A 41 10.06 6.96 -0.04
CA PHE A 41 10.38 6.90 1.40
C PHE A 41 11.82 6.37 1.58
N SER A 42 12.57 6.98 2.49
N SER A 42 12.57 6.98 2.49
N SER A 42 12.56 6.96 2.52
N SER A 42 12.56 6.96 2.52
CA SER A 42 13.97 6.61 2.84
CA SER A 42 13.97 6.61 2.84
CA SER A 42 13.95 6.60 2.87
CA SER A 42 13.95 6.60 2.87
C SER A 42 14.12 6.50 4.36
C SER A 42 14.12 6.50 4.36
C SER A 42 14.08 6.46 4.39
C SER A 42 14.08 6.46 4.39
N LEU A 43 14.99 5.59 4.82
N LEU A 43 14.99 5.59 4.82
N LEU A 43 14.86 5.48 4.85
N LEU A 43 14.86 5.48 4.85
CA LEU A 43 15.19 5.29 6.27
CA LEU A 43 15.19 5.29 6.27
CA LEU A 43 15.08 5.24 6.30
CA LEU A 43 15.08 5.24 6.30
C LEU A 43 16.07 6.36 6.92
C LEU A 43 16.07 6.36 6.92
C LEU A 43 16.10 6.27 6.80
C LEU A 43 16.10 6.27 6.80
N VAL A 44 15.76 6.68 8.19
N VAL A 44 15.76 6.68 8.19
N VAL A 44 15.68 7.14 7.72
N VAL A 44 15.68 7.14 7.72
CA VAL A 44 16.62 7.47 9.12
CA VAL A 44 16.62 7.47 9.12
CA VAL A 44 16.56 8.13 8.40
CA VAL A 44 16.56 8.13 8.40
C VAL A 44 16.79 6.63 10.40
C VAL A 44 16.79 6.63 10.40
C VAL A 44 17.39 7.38 9.45
C VAL A 44 17.39 7.38 9.45
N GLU A 45 17.97 6.66 11.02
N GLU A 45 17.97 6.66 11.02
N GLU A 45 16.73 6.53 10.27
N GLU A 45 16.73 6.53 10.27
CA GLU A 45 18.31 5.89 12.26
CA GLU A 45 18.31 5.89 12.26
CA GLU A 45 17.35 5.56 11.22
CA GLU A 45 17.35 5.56 11.22
C GLU A 45 19.06 6.80 13.24
C GLU A 45 19.06 6.80 13.24
C GLU A 45 16.40 4.39 11.47
C GLU A 45 16.40 4.39 11.47
N GLY B 7 -17.68 -1.55 -18.79
CA GLY B 7 -17.40 -2.93 -18.25
C GLY B 7 -17.84 -3.07 -16.80
N GLU B 8 -16.91 -3.43 -15.91
CA GLU B 8 -17.18 -3.79 -14.49
C GLU B 8 -16.99 -2.57 -13.58
N THR B 9 -18.07 -2.12 -12.93
N THR B 9 -18.08 -2.14 -12.93
N THR B 9 -18.07 -2.12 -12.93
N THR B 9 -18.08 -2.14 -12.93
CA THR B 9 -18.09 -0.94 -12.04
CA THR B 9 -18.16 -0.94 -12.07
CA THR B 9 -18.09 -0.94 -12.04
CA THR B 9 -18.16 -0.94 -12.07
C THR B 9 -18.55 -1.36 -10.65
C THR B 9 -18.51 -1.36 -10.64
C THR B 9 -18.55 -1.36 -10.65
C THR B 9 -18.51 -1.36 -10.64
N THR B 10 -18.56 -2.68 -10.38
CA THR B 10 -18.95 -3.22 -9.06
C THR B 10 -17.90 -2.84 -8.02
N ASP B 11 -18.33 -2.48 -6.82
CA ASP B 11 -17.46 -2.29 -5.64
C ASP B 11 -16.63 -3.58 -5.42
N GLY B 12 -15.37 -3.47 -4.99
CA GLY B 12 -14.52 -4.63 -4.76
C GLY B 12 -13.07 -4.34 -5.02
N VAL B 13 -12.22 -5.36 -4.87
CA VAL B 13 -10.74 -5.28 -5.04
C VAL B 13 -10.41 -5.92 -6.36
N TYR B 14 -9.57 -5.24 -7.15
CA TYR B 14 -9.22 -5.71 -8.49
C TYR B 14 -7.73 -5.93 -8.66
N ARG B 15 -7.38 -6.85 -9.55
CA ARG B 15 -6.01 -6.91 -10.14
C ARG B 15 -5.87 -5.91 -11.30
N VAL B 16 -4.67 -5.31 -11.40
CA VAL B 16 -4.22 -4.55 -12.57
C VAL B 16 -3.17 -5.37 -13.31
N MET B 17 -3.43 -5.68 -14.58
CA MET B 17 -2.66 -6.59 -15.43
C MET B 17 -2.12 -5.83 -16.64
N THR B 18 -1.00 -6.30 -17.19
CA THR B 18 -0.45 -5.80 -18.46
C THR B 18 -0.07 -6.97 -19.36
N ARG B 19 -0.18 -6.76 -20.68
CA ARG B 19 0.28 -7.75 -21.68
C ARG B 19 1.58 -7.28 -22.33
N ARG B 20 2.20 -6.20 -21.82
CA ARG B 20 3.39 -5.53 -22.40
C ARG B 20 4.66 -6.31 -22.07
N LEU B 21 4.65 -7.09 -20.98
CA LEU B 21 5.76 -7.97 -20.56
C LEU B 21 5.47 -9.41 -21.04
N LEU B 22 6.24 -10.40 -20.59
CA LEU B 22 5.97 -11.83 -20.90
C LEU B 22 4.59 -12.21 -20.37
N GLY B 23 3.83 -13.01 -21.13
CA GLY B 23 2.47 -13.44 -20.75
C GLY B 23 1.62 -12.28 -20.23
N SER B 24 0.77 -12.55 -19.26
CA SER B 24 -0.08 -11.53 -18.59
C SER B 24 0.53 -11.29 -17.23
N THR B 25 0.97 -10.08 -16.93
CA THR B 25 1.75 -9.80 -15.71
C THR B 25 0.93 -8.92 -14.78
N GLN B 26 0.99 -9.21 -13.49
CA GLN B 26 0.30 -8.34 -12.49
C GLN B 26 1.27 -7.26 -12.04
N VAL B 27 0.91 -6.01 -12.30
CA VAL B 27 1.72 -4.81 -11.94
C VAL B 27 1.13 -4.22 -10.66
N GLY B 28 -0.14 -4.51 -10.36
CA GLY B 28 -0.66 -4.16 -9.03
C GLY B 28 -2.13 -4.40 -8.86
N VAL B 29 -2.73 -3.62 -7.96
CA VAL B 29 -4.07 -3.88 -7.36
C VAL B 29 -4.77 -2.53 -7.18
N GLY B 30 -6.08 -2.53 -7.08
CA GLY B 30 -6.78 -1.34 -6.58
C GLY B 30 -8.19 -1.61 -6.17
N VAL B 31 -8.89 -0.53 -5.83
CA VAL B 31 -10.23 -0.53 -5.16
C VAL B 31 -11.23 0.18 -6.02
N MET B 32 -12.35 -0.49 -6.33
CA MET B 32 -13.50 0.14 -7.01
C MET B 32 -14.52 0.50 -5.92
N GLN B 33 -14.85 1.78 -5.76
CA GLN B 33 -15.86 2.26 -4.80
C GLN B 33 -16.61 3.45 -5.36
N GLU B 34 -17.94 3.44 -5.30
CA GLU B 34 -18.81 4.52 -5.84
C GLU B 34 -18.43 4.83 -7.31
N GLY B 35 -18.11 3.80 -8.10
CA GLY B 35 -17.78 3.90 -9.54
C GLY B 35 -16.44 4.60 -9.82
N VAL B 36 -15.60 4.84 -8.80
CA VAL B 36 -14.20 5.30 -8.91
C VAL B 36 -13.20 4.20 -8.67
N PHE B 37 -12.21 4.07 -9.53
CA PHE B 37 -11.07 3.13 -9.34
C PHE B 37 -9.88 3.85 -8.69
N HIS B 38 -9.40 3.27 -7.60
CA HIS B 38 -8.34 3.81 -6.69
C HIS B 38 -7.12 2.89 -6.73
N THR B 39 -5.95 3.39 -7.09
CA THR B 39 -4.69 2.60 -7.08
C THR B 39 -3.52 3.55 -6.81
N MET B 40 -2.31 2.99 -6.83
CA MET B 40 -1.07 3.72 -6.55
C MET B 40 -0.55 4.22 -7.90
N TRP B 41 -0.02 5.45 -7.93
N TRP B 41 -0.03 5.46 -7.93
N TRP B 41 -0.03 5.46 -7.93
N TRP B 41 -0.03 5.46 -7.93
CA TRP B 41 0.50 6.10 -9.17
CA TRP B 41 0.48 6.09 -9.19
CA TRP B 41 0.48 6.09 -9.19
CA TRP B 41 0.47 6.09 -9.19
C TRP B 41 1.51 5.18 -9.85
C TRP B 41 1.50 5.17 -9.86
C TRP B 41 1.49 5.14 -9.86
C TRP B 41 1.50 5.17 -9.86
N HIS B 42 2.41 4.54 -9.08
CA HIS B 42 3.55 3.78 -9.64
C HIS B 42 3.05 2.45 -10.28
N VAL B 43 1.83 2.07 -10.01
CA VAL B 43 1.20 0.90 -10.71
C VAL B 43 0.85 1.23 -12.16
N THR B 44 0.22 2.39 -12.44
CA THR B 44 -0.31 2.70 -13.79
C THR B 44 0.52 3.79 -14.46
N LYS B 45 1.32 4.53 -13.70
CA LYS B 45 2.00 5.78 -14.16
C LYS B 45 0.96 6.70 -14.83
N GLY B 46 -0.31 6.63 -14.40
CA GLY B 46 -1.42 7.48 -14.86
C GLY B 46 -2.03 7.02 -16.17
N ALA B 47 -1.63 5.87 -16.71
CA ALA B 47 -2.16 5.36 -18.00
C ALA B 47 -3.65 5.02 -17.87
N ALA B 48 -4.39 5.03 -18.99
CA ALA B 48 -5.77 4.50 -19.12
C ALA B 48 -5.80 2.98 -18.88
N LEU B 49 -6.95 2.49 -18.43
CA LEU B 49 -7.20 1.06 -18.02
C LEU B 49 -8.39 0.51 -18.81
N ARG B 50 -8.33 -0.75 -19.22
CA ARG B 50 -9.48 -1.45 -19.84
C ARG B 50 -10.23 -2.23 -18.75
N SER B 51 -11.56 -2.22 -18.82
CA SER B 51 -12.41 -3.17 -18.03
C SER B 51 -13.53 -3.76 -18.90
N GLY B 52 -13.26 -4.90 -19.55
CA GLY B 52 -14.10 -5.39 -20.67
C GLY B 52 -13.71 -4.67 -21.94
N GLU B 53 -14.67 -4.13 -22.70
CA GLU B 53 -14.38 -3.08 -23.72
C GLU B 53 -14.60 -1.70 -23.10
N GLY B 54 -14.95 -1.64 -21.81
CA GLY B 54 -14.96 -0.40 -21.01
C GLY B 54 -13.55 0.16 -20.96
N ARG B 55 -13.43 1.49 -20.89
CA ARG B 55 -12.16 2.21 -20.67
C ARG B 55 -12.32 3.01 -19.37
N LEU B 56 -11.28 3.08 -18.55
CA LEU B 56 -11.28 3.92 -17.33
C LEU B 56 -10.22 4.97 -17.59
N ASP B 57 -10.59 6.26 -17.52
CA ASP B 57 -9.61 7.35 -17.70
C ASP B 57 -9.23 7.96 -16.38
N PRO B 58 -7.97 8.39 -16.22
CA PRO B 58 -7.53 9.00 -14.97
C PRO B 58 -8.31 10.30 -14.75
N TYR B 59 -8.60 10.61 -13.49
CA TYR B 59 -9.31 11.84 -13.07
C TYR B 59 -8.43 12.71 -12.16
N TRP B 60 -7.76 12.09 -11.19
CA TRP B 60 -6.90 12.77 -10.19
C TRP B 60 -5.67 11.93 -9.98
N GLY B 61 -4.53 12.56 -9.70
CA GLY B 61 -3.31 11.86 -9.25
C GLY B 61 -2.25 12.78 -8.71
N ASP B 62 -1.38 12.24 -7.88
CA ASP B 62 -0.23 13.00 -7.30
C ASP B 62 0.95 12.06 -7.10
N VAL B 63 2.08 12.30 -7.77
CA VAL B 63 3.27 11.41 -7.69
C VAL B 63 3.77 11.37 -6.24
N LYS B 64 3.68 12.46 -5.47
CA LYS B 64 4.39 12.52 -4.15
C LYS B 64 3.60 11.60 -3.18
N GLN B 65 2.28 11.72 -3.24
CA GLN B 65 1.36 10.84 -2.47
C GLN B 65 1.37 9.43 -3.06
N ASP B 66 1.77 9.24 -4.31
CA ASP B 66 1.75 7.92 -5.02
C ASP B 66 0.31 7.37 -5.07
N LEU B 67 -0.67 8.23 -5.42
CA LEU B 67 -2.08 7.84 -5.59
C LEU B 67 -2.61 8.29 -6.93
N VAL B 68 -3.65 7.62 -7.41
CA VAL B 68 -4.39 7.95 -8.66
C VAL B 68 -5.83 7.47 -8.57
N SER B 69 -6.80 8.27 -9.02
CA SER B 69 -8.22 7.84 -9.16
C SER B 69 -8.60 7.87 -10.63
N TYR B 70 -9.56 7.06 -11.00
CA TYR B 70 -10.12 6.86 -12.36
C TYR B 70 -11.63 7.07 -12.31
N CYS B 71 -12.16 7.87 -13.29
CA CYS B 71 -13.62 8.07 -13.53
C CYS B 71 -14.19 9.05 -12.52
N GLY B 72 -13.40 9.53 -11.57
CA GLY B 72 -14.03 10.32 -10.52
C GLY B 72 -13.01 10.70 -9.48
N PRO B 73 -13.42 11.59 -8.56
CA PRO B 73 -12.56 12.02 -7.46
C PRO B 73 -12.30 10.95 -6.41
N TRP B 74 -11.21 11.08 -5.67
CA TRP B 74 -10.83 10.09 -4.65
C TRP B 74 -11.99 9.95 -3.67
N LYS B 75 -12.43 8.70 -3.35
CA LYS B 75 -13.64 8.55 -2.48
C LYS B 75 -13.32 7.97 -1.08
N LEU B 76 -12.14 7.42 -0.84
CA LEU B 76 -11.84 6.60 0.38
C LEU B 76 -11.36 7.61 1.43
N ASP B 77 -12.06 7.72 2.55
CA ASP B 77 -11.83 8.83 3.52
C ASP B 77 -11.63 8.29 4.95
N ALA B 78 -11.85 7.01 5.21
CA ALA B 78 -11.60 6.45 6.56
C ALA B 78 -10.11 6.46 6.90
N ALA B 79 -9.81 6.50 8.19
CA ALA B 79 -8.46 6.65 8.76
C ALA B 79 -8.20 5.57 9.82
N TRP B 80 -6.98 5.01 9.87
CA TRP B 80 -6.51 4.23 11.05
C TRP B 80 -6.74 5.06 12.32
N ASP B 81 -7.25 4.41 13.35
CA ASP B 81 -7.59 5.04 14.64
C ASP B 81 -6.31 5.29 15.45
N GLY B 82 -5.20 4.58 15.13
CA GLY B 82 -3.87 4.62 15.78
C GLY B 82 -3.70 3.53 16.85
N LEU B 83 -4.73 2.72 17.08
CA LEU B 83 -4.78 1.72 18.19
C LEU B 83 -4.98 0.31 17.67
N SER B 84 -5.98 0.14 16.83
CA SER B 84 -6.58 -1.18 16.55
C SER B 84 -5.74 -1.89 15.50
N GLU B 85 -5.94 -3.20 15.45
CA GLU B 85 -5.38 -4.10 14.43
C GLU B 85 -6.13 -3.76 13.13
N VAL B 86 -5.49 -4.06 12.00
CA VAL B 86 -6.14 -3.83 10.70
C VAL B 86 -6.02 -5.11 9.89
N GLN B 87 -6.67 -5.19 8.72
CA GLN B 87 -6.37 -6.29 7.78
C GLN B 87 -5.89 -5.80 6.43
N LEU B 88 -4.75 -6.32 5.97
CA LEU B 88 -4.33 -6.14 4.55
C LEU B 88 -5.10 -7.13 3.73
N LEU B 89 -5.87 -6.68 2.76
CA LEU B 89 -6.52 -7.61 1.81
C LEU B 89 -5.53 -7.85 0.68
N ALA B 90 -4.56 -8.73 0.91
CA ALA B 90 -3.47 -8.99 -0.05
C ALA B 90 -4.05 -9.71 -1.27
N VAL B 91 -3.69 -9.20 -2.45
CA VAL B 91 -3.97 -9.83 -3.75
C VAL B 91 -2.63 -10.08 -4.43
N PRO B 92 -1.90 -11.16 -4.09
CA PRO B 92 -0.58 -11.41 -4.68
C PRO B 92 -0.69 -11.92 -6.10
N PRO B 93 0.33 -11.71 -6.97
CA PRO B 93 0.24 -12.18 -8.35
C PRO B 93 -0.07 -13.70 -8.37
N GLY B 94 -1.08 -14.11 -9.15
CA GLY B 94 -1.40 -15.52 -9.46
C GLY B 94 -2.00 -16.27 -8.28
N GLU B 95 -2.36 -15.57 -7.19
CA GLU B 95 -2.85 -16.18 -5.94
C GLU B 95 -4.13 -15.50 -5.51
N ARG B 96 -4.99 -16.24 -4.81
CA ARG B 96 -6.30 -15.74 -4.32
C ARG B 96 -6.13 -14.59 -3.31
N ALA B 97 -7.09 -13.67 -3.30
CA ALA B 97 -7.19 -12.59 -2.29
C ALA B 97 -7.17 -13.25 -0.91
N LYS B 98 -6.46 -12.67 0.05
CA LYS B 98 -6.20 -13.30 1.36
C LYS B 98 -6.12 -12.17 2.38
N ASN B 99 -7.02 -12.21 3.36
CA ASN B 99 -6.92 -11.24 4.49
C ASN B 99 -5.79 -11.63 5.43
N ILE B 100 -4.92 -10.68 5.70
CA ILE B 100 -3.81 -10.80 6.68
C ILE B 100 -4.00 -9.75 7.75
N GLN B 101 -4.10 -10.20 9.01
CA GLN B 101 -4.40 -9.27 10.14
C GLN B 101 -3.10 -8.93 10.87
N THR B 102 -2.95 -7.62 11.21
CA THR B 102 -1.69 -7.07 11.76
C THR B 102 -1.97 -5.81 12.57
N LEU B 103 -1.11 -5.49 13.52
CA LEU B 103 -1.09 -4.18 14.21
C LEU B 103 -0.08 -3.30 13.49
N PRO B 104 -0.55 -2.20 12.88
CA PRO B 104 0.42 -1.31 12.24
C PRO B 104 1.45 -0.74 13.24
N GLY B 105 2.68 -0.52 12.71
CA GLY B 105 3.66 0.37 13.34
C GLY B 105 3.48 1.81 12.84
N ILE B 106 4.57 2.57 12.87
CA ILE B 106 4.55 4.03 12.53
C ILE B 106 5.79 4.39 11.70
N PHE B 107 5.56 5.18 10.62
CA PHE B 107 6.53 6.08 9.95
C PHE B 107 6.52 7.43 10.69
N LYS B 108 7.64 7.78 11.29
CA LYS B 108 7.81 9.11 11.93
C LYS B 108 8.46 10.02 10.90
N THR B 109 7.79 11.11 10.55
CA THR B 109 8.28 12.05 9.51
C THR B 109 8.27 13.47 10.07
N LYS B 110 9.08 14.32 9.45
CA LYS B 110 9.18 15.76 9.84
C LYS B 110 7.82 16.44 9.70
N ASP B 111 6.86 15.86 9.00
CA ASP B 111 5.51 16.47 8.81
C ASP B 111 4.45 15.68 9.58
N GLY B 112 4.83 14.70 10.42
CA GLY B 112 3.82 14.04 11.28
C GLY B 112 3.92 12.55 11.07
N ASP B 113 3.11 11.77 11.76
CA ASP B 113 3.27 10.30 11.75
C ASP B 113 2.18 9.68 10.88
N ILE B 114 2.53 8.56 10.20
CA ILE B 114 1.66 7.75 9.31
C ILE B 114 1.72 6.30 9.86
N GLY B 115 0.63 5.57 9.79
CA GLY B 115 0.61 4.12 10.08
C GLY B 115 1.42 3.41 9.03
N ALA B 116 2.01 2.28 9.41
CA ALA B 116 2.86 1.44 8.55
C ALA B 116 2.49 -0.01 8.80
N VAL B 117 2.52 -0.83 7.74
N VAL B 117 2.49 -0.81 7.72
N VAL B 117 2.52 -0.83 7.74
N VAL B 117 2.48 -0.81 7.72
CA VAL B 117 2.15 -2.27 7.78
CA VAL B 117 2.16 -2.27 7.72
CA VAL B 117 2.15 -2.27 7.77
CA VAL B 117 2.15 -2.26 7.70
C VAL B 117 3.37 -3.10 7.33
C VAL B 117 3.44 -3.04 7.36
C VAL B 117 3.36 -3.09 7.32
C VAL B 117 3.44 -3.04 7.36
N ALA B 118 3.87 -3.96 8.22
CA ALA B 118 5.12 -4.75 8.02
C ALA B 118 4.76 -6.18 7.55
N LEU B 119 4.43 -6.40 6.27
CA LEU B 119 4.12 -7.72 5.66
C LEU B 119 4.92 -7.83 4.35
N ASP B 120 5.52 -8.98 4.03
CA ASP B 120 6.44 -9.13 2.86
C ASP B 120 5.69 -9.74 1.67
N TYR B 121 5.19 -8.95 0.73
CA TYR B 121 4.62 -9.42 -0.56
C TYR B 121 5.43 -8.82 -1.72
N PRO B 122 5.42 -9.42 -2.94
CA PRO B 122 6.20 -8.91 -4.08
C PRO B 122 5.56 -7.62 -4.62
N ALA B 123 6.28 -6.85 -5.43
CA ALA B 123 5.82 -5.51 -5.86
C ALA B 123 4.41 -5.52 -6.48
N GLY B 124 4.04 -6.56 -7.20
CA GLY B 124 2.75 -6.69 -7.91
C GLY B 124 1.56 -6.68 -6.97
N THR B 125 1.78 -6.77 -5.65
CA THR B 125 0.72 -6.64 -4.61
C THR B 125 0.38 -5.16 -4.29
N SER B 126 1.19 -4.24 -4.84
CA SER B 126 1.06 -2.74 -4.68
C SER B 126 -0.40 -2.34 -4.93
N GLY B 127 -1.03 -1.63 -4.01
CA GLY B 127 -2.41 -1.13 -4.18
C GLY B 127 -3.45 -1.97 -3.48
N SER B 128 -3.00 -3.11 -2.90
CA SER B 128 -3.94 -3.89 -2.09
C SER B 128 -4.45 -3.01 -0.96
N PRO B 129 -5.76 -3.06 -0.65
CA PRO B 129 -6.33 -2.22 0.38
C PRO B 129 -6.09 -2.65 1.81
N ILE B 130 -6.04 -1.68 2.72
CA ILE B 130 -5.91 -1.85 4.19
C ILE B 130 -7.26 -1.47 4.81
N LEU B 131 -7.86 -2.42 5.56
CA LEU B 131 -9.27 -2.31 6.10
C LEU B 131 -9.31 -2.12 7.64
N ASP B 132 -10.31 -1.36 8.09
CA ASP B 132 -10.62 -1.28 9.53
C ASP B 132 -11.68 -2.35 9.83
N LYS B 133 -12.27 -2.34 11.02
CA LYS B 133 -13.15 -3.45 11.48
C LYS B 133 -14.56 -3.28 10.92
N CYS B 134 -14.93 -2.06 10.47
CA CYS B 134 -16.21 -1.80 9.78
C CYS B 134 -16.12 -2.16 8.29
N GLY B 135 -15.02 -2.74 7.81
CA GLY B 135 -14.75 -3.05 6.39
C GLY B 135 -14.30 -1.81 5.56
N ARG B 136 -14.09 -0.64 6.16
CA ARG B 136 -13.72 0.59 5.40
C ARG B 136 -12.24 0.60 5.02
N VAL B 137 -11.97 1.15 3.85
CA VAL B 137 -10.59 1.19 3.35
C VAL B 137 -9.92 2.43 3.97
N ILE B 138 -8.87 2.20 4.75
CA ILE B 138 -8.13 3.26 5.48
C ILE B 138 -6.85 3.60 4.72
N GLY B 139 -6.58 2.94 3.59
CA GLY B 139 -5.42 3.24 2.72
C GLY B 139 -5.00 2.10 1.87
N LEU B 140 -3.98 2.33 1.04
N LEU B 140 -3.98 2.33 1.04
N LEU B 140 -3.95 2.31 1.07
N LEU B 140 -3.95 2.31 1.07
CA LEU B 140 -3.41 1.31 0.11
CA LEU B 140 -3.41 1.31 0.11
CA LEU B 140 -3.40 1.31 0.13
CA LEU B 140 -3.40 1.31 0.13
C LEU B 140 -2.00 0.96 0.56
C LEU B 140 -2.00 0.96 0.56
C LEU B 140 -1.98 0.96 0.52
C LEU B 140 -1.98 0.96 0.52
N TYR B 141 -1.72 -0.35 0.67
N TYR B 141 -1.72 -0.35 0.67
N TYR B 141 -1.63 -0.33 0.32
N TYR B 141 -1.63 -0.33 0.32
CA TYR B 141 -0.37 -0.92 0.88
CA TYR B 141 -0.37 -0.92 0.88
CA TYR B 141 -0.32 -0.93 0.66
CA TYR B 141 -0.32 -0.93 0.66
C TYR B 141 0.36 -0.94 -0.45
C TYR B 141 0.36 -0.94 -0.45
C TYR B 141 0.58 -0.94 -0.58
C TYR B 141 0.58 -0.94 -0.58
N GLY B 142 1.60 -0.43 -0.51
N GLY B 142 1.60 -0.43 -0.51
N GLY B 142 1.87 -0.61 -0.44
N GLY B 142 1.87 -0.61 -0.44
CA GLY B 142 2.42 -0.56 -1.74
CA GLY B 142 2.42 -0.56 -1.74
CA GLY B 142 2.81 -0.73 -1.59
CA GLY B 142 2.81 -0.73 -1.59
C GLY B 142 3.49 0.51 -1.93
C GLY B 142 3.49 0.51 -1.93
C GLY B 142 3.74 0.46 -1.79
C GLY B 142 3.74 0.46 -1.79
N ASN B 143 3.58 1.53 -1.05
N ASN B 143 3.58 1.53 -1.05
N ASN B 143 3.62 1.53 -0.97
N ASN B 143 3.62 1.53 -0.97
CA ASN B 143 4.75 2.45 -1.01
CA ASN B 143 4.75 2.45 -1.01
CA ASN B 143 4.69 2.58 -0.90
CA ASN B 143 4.69 2.58 -0.90
C ASN B 143 5.33 2.39 0.44
C ASN B 143 5.32 2.38 0.44
C ASN B 143 5.33 2.47 0.52
C ASN B 143 5.33 2.47 0.52
N GLY B 144 6.71 2.18 0.44
CA GLY B 144 7.43 2.02 1.71
C GLY B 144 8.91 1.82 1.51
N VAL B 145 9.53 1.06 2.42
N VAL B 145 9.53 1.06 2.42
N VAL B 145 9.53 1.06 2.42
N VAL B 145 9.49 1.04 2.43
CA VAL B 145 11.01 0.91 2.54
CA VAL B 145 11.01 0.91 2.54
CA VAL B 145 11.01 0.91 2.54
CA VAL B 145 10.96 0.88 2.61
C VAL B 145 11.36 -0.56 2.85
C VAL B 145 11.36 -0.56 2.85
C VAL B 145 11.35 -0.56 2.83
C VAL B 145 11.25 -0.64 2.69
N VAL B 146 12.57 -0.97 2.48
N VAL B 146 12.57 -0.97 2.48
N VAL B 146 12.45 -1.05 2.24
N VAL B 146 12.45 -1.04 2.25
CA VAL B 146 13.20 -2.27 2.85
CA VAL B 146 13.20 -2.27 2.85
CA VAL B 146 13.06 -2.39 2.49
CA VAL B 146 13.06 -2.39 2.48
C VAL B 146 14.07 -2.04 4.10
C VAL B 146 14.07 -2.04 4.10
C VAL B 146 14.13 -2.18 3.57
C VAL B 146 14.13 -2.18 3.57
N ILE B 147 13.66 -2.59 5.25
N ILE B 147 13.66 -2.59 5.25
N ILE B 147 14.18 -3.04 4.58
N ILE B 147 14.18 -3.04 4.58
CA ILE B 147 14.28 -2.29 6.58
CA ILE B 147 14.28 -2.29 6.58
CA ILE B 147 15.09 -2.84 5.74
CA ILE B 147 15.09 -2.84 5.74
C ILE B 147 15.51 -3.17 6.80
C ILE B 147 15.51 -3.17 6.80
C ILE B 147 15.78 -4.19 6.06
C ILE B 147 15.78 -4.19 6.06
N LYS B 148 16.26 -2.90 7.88
N LYS B 148 16.26 -2.90 7.88
N LYS B 148 17.01 -4.11 6.59
N LYS B 148 17.01 -4.11 6.59
CA LYS B 148 17.52 -3.58 8.28
CA LYS B 148 17.52 -3.58 8.28
CA LYS B 148 17.83 -5.20 7.18
CA LYS B 148 17.83 -5.20 7.18
C LYS B 148 17.43 -5.09 8.00
C LYS B 148 17.43 -5.09 8.00
C LYS B 148 18.00 -6.41 6.24
C LYS B 148 17.99 -6.40 6.25
N ASN B 149 16.30 -5.71 8.30
N ASN B 149 16.29 -5.70 8.31
N ASN B 149 17.14 -7.43 6.42
N ASN B 149 17.14 -7.43 6.42
CA ASN B 149 16.05 -7.17 8.18
CA ASN B 149 16.05 -7.17 8.18
CA ASN B 149 17.25 -8.77 5.79
CA ASN B 149 17.25 -8.78 5.80
C ASN B 149 16.22 -7.60 6.72
C ASN B 149 16.22 -7.60 6.72
C ASN B 149 16.50 -8.82 4.45
C ASN B 149 16.50 -8.82 4.45
N GLY B 150 15.73 -6.78 5.78
N GLY B 150 15.72 -6.78 5.78
N GLY B 150 15.90 -7.69 4.03
N GLY B 150 15.90 -7.69 4.03
CA GLY B 150 15.54 -7.12 4.35
CA GLY B 150 15.54 -7.12 4.35
CA GLY B 150 15.03 -7.64 2.85
CA GLY B 150 15.03 -7.64 2.85
C GLY B 150 14.05 -7.29 4.02
C GLY B 150 14.05 -7.29 4.01
C GLY B 150 13.53 -7.66 3.19
C GLY B 150 13.53 -7.66 3.19
N SER B 151 13.22 -7.11 5.09
N SER B 151 13.20 -7.14 5.06
N SER B 151 13.20 -7.24 4.46
N SER B 151 13.20 -7.24 4.46
CA SER B 151 11.74 -7.19 5.04
CA SER B 151 11.73 -7.24 4.95
CA SER B 151 11.79 -7.18 4.92
CA SER B 151 11.79 -7.18 4.92
C SER B 151 11.16 -5.89 4.45
C SER B 151 11.16 -5.91 4.45
C SER B 151 11.15 -5.87 4.45
C SER B 151 11.15 -5.87 4.45
N TYR B 152 9.87 -5.90 4.12
CA TYR B 152 9.16 -4.73 3.57
C TYR B 152 8.27 -4.09 4.63
N VAL B 153 8.29 -2.73 4.68
CA VAL B 153 7.34 -1.97 5.53
C VAL B 153 6.73 -0.87 4.65
N SER B 154 5.41 -0.94 4.47
CA SER B 154 4.59 -0.04 3.61
C SER B 154 3.95 1.05 4.49
N ALA B 155 3.91 2.31 4.00
CA ALA B 155 3.00 3.33 4.58
C ALA B 155 1.54 2.78 4.42
N ILE B 156 0.70 3.28 5.31
CA ILE B 156 -0.77 3.28 5.06
C ILE B 156 -1.06 4.56 4.27
N THR B 157 -1.16 4.44 2.96
CA THR B 157 -1.28 5.65 2.06
C THR B 157 -2.76 5.90 1.78
N GLN B 158 -3.29 7.04 2.26
CA GLN B 158 -4.71 7.43 2.12
C GLN B 158 -4.77 8.77 1.37
N GLY B 159 -5.77 8.95 0.53
CA GLY B 159 -6.03 10.26 -0.12
C GLY B 159 -7.04 11.08 0.67
N LYS B 160 -7.47 12.19 0.09
CA LYS B 160 -8.38 13.18 0.71
C LYS B 160 -9.67 13.21 -0.13
N ARG B 161 -10.84 13.11 0.49
CA ARG B 161 -12.17 13.27 -0.17
C ARG B 161 -12.66 14.72 0.01
N GLU B 162 -13.26 15.34 -1.02
CA GLU B 162 -13.68 16.76 -1.04
C GLU B 162 -15.16 16.91 -0.67
S DMS C . -5.12 -16.47 4.91
S DMS C . -5.12 -16.47 4.91
O DMS C . -5.45 -15.71 6.17
O DMS C . -5.45 -15.71 6.17
C1 DMS C . -6.13 -17.94 4.90
C1 DMS C . -6.13 -17.94 4.90
C2 DMS C . -3.55 -17.25 5.17
C2 DMS C . -3.55 -17.25 5.17
S DMS D . 17.57 -0.65 9.81
S DMS D . 17.57 -0.65 9.81
O DMS D . 17.97 0.71 10.34
O DMS D . 17.97 0.71 10.34
C1 DMS D . 18.71 -1.79 10.53
C1 DMS D . 18.71 -1.79 10.53
C2 DMS D . 18.17 -0.73 8.14
C2 DMS D . 18.18 -0.74 8.14
S DMS E . -2.09 -23.42 8.37
S DMS E . -2.09 -23.42 8.37
O DMS E . -1.24 -23.51 9.62
O DMS E . -1.24 -23.51 9.62
C1 DMS E . -3.76 -23.26 8.94
C1 DMS E . -3.76 -23.26 8.94
C2 DMS E . -2.19 -25.07 7.72
C2 DMS E . -2.19 -25.07 7.72
S DMS F . 6.66 -4.73 -2.57
S DMS F . 6.66 -4.73 -2.57
O DMS F . 7.56 -4.85 -1.37
O DMS F . 7.56 -4.85 -1.37
C1 DMS F . 6.89 -3.08 -3.20
C1 DMS F . 6.89 -3.08 -3.20
C2 DMS F . 5.02 -4.53 -1.94
C2 DMS F . 5.02 -4.53 -1.94
S DMS G . 1.31 8.06 -19.49
S DMS G . 1.31 8.06 -19.49
O DMS G . 0.61 8.57 -18.27
O DMS G . 0.61 8.57 -18.27
C1 DMS G . 0.09 7.19 -20.44
C1 DMS G . 0.09 7.19 -20.44
C2 DMS G . 2.27 6.66 -18.99
C2 DMS G . 2.27 6.66 -18.99
S DMS H . 8.57 0.24 -2.59
S DMS H . 8.57 0.24 -2.59
O DMS H . 7.83 0.77 -1.40
O DMS H . 7.82 0.78 -1.40
C1 DMS H . 7.88 1.07 -4.01
C1 DMS H . 7.88 1.07 -4.01
C2 DMS H . 10.15 1.07 -2.61
C2 DMS H . 10.15 1.07 -2.61
N1 A1BHC I . 7.93 5.26 -5.74
N1 A1BHC I . 7.93 5.26 -5.74
N3 A1BHC I . 8.92 -6.43 -1.51
N3 A1BHC I . 8.92 -6.43 -1.51
C4 A1BHC I . 7.33 2.93 -6.18
C4 A1BHC I . 7.33 2.93 -6.18
C5 A1BHC I . 6.89 1.76 -5.57
C5 A1BHC I . 6.89 1.76 -5.57
C6 A1BHC I . 7.28 0.50 -6.03
C6 A1BHC I . 7.28 0.50 -6.03
C7 A1BHC I . 6.77 -0.73 -5.35
C7 A1BHC I . 6.77 -0.73 -5.35
C8 A1BHC I . 7.31 -2.35 -3.55
C8 A1BHC I . 7.31 -2.35 -3.55
C10 A1BHC I . 5.73 -3.83 -2.51
C10 A1BHC I . 5.73 -3.83 -2.51
C13 A1BHC I . 9.21 -5.33 -2.20
C13 A1BHC I . 9.21 -5.33 -2.20
C15 A1BHC I . 9.15 -8.48 -0.22
C15 A1BHC I . 9.15 -8.48 -0.22
C17 A1BHC I . 10.54 -8.11 -2.27
C17 A1BHC I . 10.54 -8.11 -2.27
C20 A1BHC I . 8.58 1.58 -7.75
C20 A1BHC I . 8.58 1.58 -7.75
C21 A1BHC I . 8.18 2.82 -7.29
C21 A1BHC I . 8.18 2.82 -7.29
C1 A1BHC I . 7.41 6.56 -5.36
C1 A1BHC I . 7.41 6.56 -5.36
C2 A1BHC I . 9.06 4.87 -4.88
C2 A1BHC I . 9.06 4.87 -4.88
C3 A1BHC I . 6.88 4.26 -5.68
C3 A1BHC I . 6.88 4.26 -5.68
N2 A1BHC I . 7.59 -1.17 -4.23
N2 A1BHC I . 7.59 -1.17 -4.23
C9 A1BHC I . 6.01 -2.65 -3.19
C9 A1BHC I . 6.01 -2.65 -3.19
CL1 A1BHC I . 4.07 -4.16 -2.06
CL1 A1BHC I . 4.07 -4.16 -2.06
C11 A1BHC I . 6.74 -4.71 -2.19
C11 A1BHC I . 6.74 -4.71 -2.19
C12 A1BHC I . 8.06 -4.42 -2.54
C12 A1BHC I . 8.06 -4.42 -2.54
O1 A1BHC I . 10.37 -5.03 -2.52
O1 A1BHC I . 10.37 -5.03 -2.52
C14 A1BHC I . 9.91 -7.44 -1.05
C14 A1BHC I . 9.91 -7.44 -1.05
C16 A1BHC I . 10.98 -6.76 -0.19
C16 A1BHC I . 10.98 -6.76 -0.19
O2 A1BHC I . 9.60 -8.67 -3.18
O2 A1BHC I . 9.60 -8.67 -3.18
C18 A1BHC I . 8.35 -3.23 -3.22
C18 A1BHC I . 8.35 -3.23 -3.22
C19 A1BHC I . 8.12 0.43 -7.12
C19 A1BHC I . 8.12 0.43 -7.12
O3 A1BHC I . 8.63 3.94 -7.91
O3 A1BHC I . 8.63 3.94 -7.91
S SO4 J . 5.91 -11.05 7.02
S SO4 J . 5.91 -11.05 7.02
O1 SO4 J . 6.42 -10.11 7.98
O1 SO4 J . 6.42 -10.11 7.98
O2 SO4 J . 6.48 -10.77 5.73
O2 SO4 J . 6.48 -10.77 5.73
O3 SO4 J . 6.26 -12.38 7.43
O3 SO4 J . 6.26 -12.38 7.43
O4 SO4 J . 4.49 -10.92 6.94
O4 SO4 J . 4.49 -10.92 6.94
S DMS K . 4.12 -0.18 -14.55
S DMS K . 4.12 -0.18 -14.55
O DMS K . 3.81 -0.75 -13.20
O DMS K . 3.81 -0.75 -13.20
C1 DMS K . 3.69 -1.46 -15.72
C1 DMS K . 3.69 -1.46 -15.72
C2 DMS K . 5.89 -0.28 -14.73
C2 DMS K . 5.89 -0.28 -14.73
S DMS L . -6.39 -22.18 -5.59
S DMS L . -6.39 -22.18 -5.59
O DMS L . -5.76 -21.16 -4.69
O DMS L . -5.76 -21.16 -4.69
C1 DMS L . -7.63 -22.99 -4.61
C1 DMS L . -7.63 -22.99 -4.61
C2 DMS L . -7.49 -21.30 -6.66
C2 DMS L . -7.49 -21.30 -6.66
S DMS M . -12.21 0.69 14.14
S DMS M . -12.21 0.69 14.14
O DMS M . -13.19 0.75 13.00
O DMS M . -13.19 0.75 13.00
C1 DMS M . -10.92 -0.41 13.66
C1 DMS M . -10.92 -0.41 13.66
C2 DMS M . -12.96 -0.32 15.40
C2 DMS M . -12.96 -0.32 15.40
S DMS N . 13.58 -7.63 -7.64
S DMS N . 13.58 -7.63 -7.64
O DMS N . 12.39 -8.40 -8.13
O DMS N . 12.39 -8.40 -8.13
C1 DMS N . 13.48 -6.03 -8.40
C1 DMS N . 13.49 -6.04 -8.40
C2 DMS N . 14.97 -8.25 -8.55
C2 DMS N . 14.97 -8.25 -8.55
#